data_7YNQ
#
_entry.id   7YNQ
#
loop_
_entity.id
_entity.type
_entity.pdbx_description
1 polymer Alpha-synuclein
2 non-polymer 2-[4-(methylamino)phenyl]-1,3-benzothiazol-6-ol
#
_entity_poly.entity_id   1
_entity_poly.type   'polypeptide(L)'
_entity_poly.pdbx_seq_one_letter_code
;MDVFMKGLSKAKEGVVAAAEKTKQGVAEAAGKTKEGVLYVGSKTKEGVVHGVATVAEKTKEQVTNVGGAVVTGVTAVAQK
TVEGAGSIAAATGFVKKDQLGKNEEGAPQEGILEDMPVDPDNEAYEMPSEEGYQDYEPEA
;
_entity_poly.pdbx_strand_id   A,B,C,D,E,F
#
loop_
_chem_comp.id
_chem_comp.type
_chem_comp.name
_chem_comp.formula
IZV non-polymer 2-[4-(methylamino)phenyl]-1,3-benzothiazol-6-ol 'C14 H12 N2 O S'
#
# COMPACT_ATOMS: atom_id res chain seq x y z
N VAL A 37 16.95 -10.62 38.08
CA VAL A 37 17.53 -11.94 37.92
C VAL A 37 16.49 -12.93 37.41
N LEU A 38 15.29 -12.41 37.13
CA LEU A 38 14.23 -13.21 36.52
C LEU A 38 13.56 -12.38 35.43
N TYR A 39 14.39 -11.74 34.60
CA TYR A 39 13.90 -10.99 33.46
C TYR A 39 12.96 -11.85 32.63
N VAL A 40 11.84 -11.26 32.21
CA VAL A 40 10.84 -11.96 31.41
C VAL A 40 10.35 -10.99 30.34
N GLY A 41 10.80 -11.18 29.11
CA GLY A 41 10.21 -10.50 27.97
C GLY A 41 9.17 -11.38 27.32
N SER A 42 8.13 -10.74 26.76
CA SER A 42 7.05 -11.49 26.14
C SER A 42 6.26 -10.57 25.23
N LYS A 43 6.14 -10.94 23.96
CA LYS A 43 5.40 -10.20 22.95
C LYS A 43 5.90 -8.75 22.83
N THR A 44 7.07 -8.48 23.39
CA THR A 44 7.68 -7.16 23.27
C THR A 44 7.98 -6.83 21.81
N LYS A 45 8.08 -5.53 21.53
CA LYS A 45 8.50 -5.06 20.23
C LYS A 45 9.39 -3.85 20.41
N GLU A 46 10.48 -3.79 19.66
CA GLU A 46 11.44 -2.70 19.78
C GLU A 46 12.01 -2.38 18.40
N GLY A 47 12.03 -1.10 18.05
CA GLY A 47 12.42 -0.67 16.73
C GLY A 47 11.70 -1.47 15.68
N VAL A 48 10.37 -1.37 15.65
CA VAL A 48 9.53 -2.22 14.81
C VAL A 48 8.65 -1.33 13.95
N VAL A 49 8.55 -1.67 12.66
CA VAL A 49 7.66 -1.00 11.72
C VAL A 49 6.81 -2.06 11.06
N HIS A 50 5.50 -1.85 11.03
CA HIS A 50 4.65 -2.84 10.37
C HIS A 50 3.32 -2.21 9.96
N GLY A 51 2.78 -2.68 8.84
CA GLY A 51 1.49 -2.24 8.37
C GLY A 51 1.53 -0.91 7.64
N VAL A 52 2.48 -0.77 6.73
CA VAL A 52 2.73 0.48 6.02
C VAL A 52 2.31 0.29 4.57
N ALA A 53 1.36 1.09 4.12
CA ALA A 53 0.98 1.14 2.72
C ALA A 53 1.36 2.51 2.18
N THR A 54 2.01 2.53 1.03
CA THR A 54 2.59 3.76 0.51
C THR A 54 2.45 3.78 -1.00
N VAL A 55 1.91 4.86 -1.52
CA VAL A 55 1.84 5.10 -2.96
C VAL A 55 2.58 6.41 -3.23
N ALA A 56 3.50 6.38 -4.18
CA ALA A 56 4.32 7.55 -4.50
C ALA A 56 4.35 7.73 -6.02
N GLU A 57 3.37 8.48 -6.53
CA GLU A 57 3.38 8.87 -7.93
C GLU A 57 4.17 10.16 -8.07
N LYS A 58 5.30 10.10 -8.78
CA LYS A 58 6.15 11.27 -8.98
C LYS A 58 6.60 11.32 -10.41
N THR A 59 6.29 12.41 -11.11
CA THR A 59 6.72 12.55 -12.49
C THR A 59 8.23 12.77 -12.62
N LYS A 60 8.90 13.24 -11.57
CA LYS A 60 10.34 13.43 -11.65
C LYS A 60 10.93 13.46 -10.24
N GLU A 61 12.07 12.79 -10.06
CA GLU A 61 12.89 12.89 -8.87
C GLU A 61 14.33 13.17 -9.31
N GLN A 62 15.03 14.00 -8.55
CA GLN A 62 16.38 14.38 -8.93
C GLN A 62 17.15 14.86 -7.72
N VAL A 63 18.34 14.30 -7.51
CA VAL A 63 19.31 14.81 -6.55
C VAL A 63 20.55 15.19 -7.35
N THR A 64 20.91 16.47 -7.31
CA THR A 64 22.09 16.96 -8.02
C THR A 64 23.11 17.36 -6.95
N ASN A 65 23.86 16.38 -6.47
CA ASN A 65 24.87 16.62 -5.46
C ASN A 65 26.17 17.05 -6.14
N VAL A 66 26.74 18.16 -5.67
CA VAL A 66 28.01 18.66 -6.17
C VAL A 66 28.93 18.80 -4.96
N GLY A 67 29.68 17.76 -4.65
CA GLY A 67 30.70 17.82 -3.65
C GLY A 67 30.25 17.61 -2.23
N GLY A 68 28.95 17.45 -1.98
CA GLY A 68 28.43 17.31 -0.64
C GLY A 68 27.85 15.94 -0.34
N ALA A 69 27.37 15.80 0.89
CA ALA A 69 26.66 14.61 1.33
C ALA A 69 25.15 14.79 1.16
N VAL A 70 24.46 13.69 0.89
CA VAL A 70 23.00 13.69 0.75
C VAL A 70 22.46 12.33 1.17
N VAL A 71 21.32 12.33 1.86
CA VAL A 71 20.55 11.12 2.15
C VAL A 71 19.10 11.42 1.83
N THR A 72 18.46 10.56 1.04
CA THR A 72 17.08 10.81 0.65
C THR A 72 16.33 9.49 0.48
N GLY A 73 15.06 9.51 0.86
CA GLY A 73 14.15 8.42 0.50
C GLY A 73 14.09 7.24 1.42
N VAL A 74 14.34 7.43 2.71
CA VAL A 74 14.27 6.34 3.67
C VAL A 74 12.81 6.05 3.99
N THR A 75 12.45 4.77 3.99
CA THR A 75 11.07 4.35 4.21
C THR A 75 11.03 2.99 4.88
N ALA A 76 10.27 2.89 5.97
CA ALA A 76 10.03 1.63 6.66
C ALA A 76 11.33 0.96 7.07
N VAL A 77 12.08 1.64 7.92
CA VAL A 77 13.40 1.20 8.35
C VAL A 77 13.37 1.01 9.87
N ALA A 78 14.08 -0.02 10.34
CA ALA A 78 14.07 -0.36 11.76
C ALA A 78 15.47 -0.76 12.20
N GLN A 79 15.94 -0.16 13.29
CA GLN A 79 17.24 -0.50 13.86
C GLN A 79 17.10 -0.80 15.34
N LYS A 80 18.15 -1.38 15.89
CA LYS A 80 18.23 -1.63 17.33
C LYS A 80 19.70 -1.84 17.67
N THR A 81 20.25 -0.97 18.50
CA THR A 81 21.66 -1.00 18.86
C THR A 81 21.80 -1.27 20.35
N VAL A 82 22.98 -1.75 20.74
CA VAL A 82 23.36 -1.92 22.14
C VAL A 82 24.84 -1.59 22.25
N GLU A 83 25.18 -0.63 23.11
CA GLU A 83 26.57 -0.18 23.26
C GLU A 83 27.11 0.32 21.92
N GLY A 84 26.35 1.20 21.29
CA GLY A 84 26.76 1.77 20.02
C GLY A 84 25.96 2.97 19.61
N ALA A 85 26.55 3.86 18.81
CA ALA A 85 25.88 5.07 18.34
C ALA A 85 25.13 4.74 17.06
N GLY A 86 23.81 4.77 17.12
CA GLY A 86 22.99 4.37 15.99
C GLY A 86 22.34 5.50 15.25
N SER A 87 22.72 5.70 14.00
CA SER A 87 22.17 6.74 13.15
C SER A 87 21.31 6.10 12.08
N ILE A 88 20.23 6.77 11.68
CA ILE A 88 19.34 6.18 10.69
C ILE A 88 19.60 6.82 9.33
N ALA A 89 19.36 8.11 9.23
CA ALA A 89 19.58 8.84 7.98
C ALA A 89 20.33 10.12 8.33
N ALA A 90 21.66 10.00 8.47
CA ALA A 90 22.51 11.11 8.84
C ALA A 90 23.09 11.76 7.59
N ALA A 91 23.20 13.09 7.62
CA ALA A 91 24.00 13.83 6.66
C ALA A 91 25.17 14.42 7.44
N THR A 92 26.23 13.63 7.57
CA THR A 92 27.37 13.96 8.41
C THR A 92 28.31 14.86 7.64
N GLY A 93 29.14 15.59 8.38
CA GLY A 93 29.95 16.65 7.85
C GLY A 93 31.38 16.23 7.55
N PHE A 94 32.04 17.03 6.72
CA PHE A 94 33.39 16.74 6.25
C PHE A 94 34.36 16.95 7.39
N VAL A 95 34.75 15.85 8.04
CA VAL A 95 35.67 15.91 9.18
C VAL A 95 37.04 16.33 8.65
N LYS A 96 37.60 17.39 9.25
CA LYS A 96 38.92 17.87 8.87
C LYS A 96 39.71 18.04 10.15
N LYS A 97 41.03 17.83 10.06
CA LYS A 97 41.86 17.77 11.25
C LYS A 97 43.12 18.62 11.11
N VAL B 37 14.43 -7.18 40.42
CA VAL B 37 15.01 -8.51 40.26
C VAL B 37 13.96 -9.48 39.73
N LEU B 38 12.77 -8.96 39.43
CA LEU B 38 11.71 -9.75 38.82
C LEU B 38 11.07 -8.90 37.72
N TYR B 39 11.92 -8.27 36.90
CA TYR B 39 11.44 -7.50 35.76
C TYR B 39 10.51 -8.35 34.91
N VAL B 40 9.40 -7.75 34.49
CA VAL B 40 8.41 -8.43 33.66
C VAL B 40 7.93 -7.46 32.59
N GLY B 41 8.39 -7.64 31.37
CA GLY B 41 7.82 -6.95 30.23
C GLY B 41 6.78 -7.81 29.56
N SER B 42 5.76 -7.16 28.99
CA SER B 42 4.68 -7.90 28.36
C SER B 42 3.91 -6.96 27.44
N LYS B 43 3.81 -7.34 26.17
CA LYS B 43 3.08 -6.57 25.16
C LYS B 43 3.59 -5.13 25.04
N THR B 44 4.76 -4.87 25.62
CA THR B 44 5.38 -3.55 25.52
C THR B 44 5.70 -3.22 24.07
N LYS B 45 5.82 -1.93 23.79
CA LYS B 45 6.25 -1.45 22.49
C LYS B 45 7.15 -0.24 22.71
N GLU B 46 8.26 -0.19 21.97
CA GLU B 46 9.21 0.90 22.10
C GLU B 46 9.80 1.23 20.73
N GLY B 47 9.83 2.51 20.40
CA GLY B 47 10.25 2.94 19.08
C GLY B 47 9.53 2.15 18.01
N VAL B 48 8.21 2.26 17.97
CA VAL B 48 7.38 1.43 17.10
C VAL B 48 6.51 2.32 16.25
N VAL B 49 6.42 2.00 14.97
CA VAL B 49 5.55 2.68 14.02
C VAL B 49 4.70 1.63 13.34
N HIS B 50 3.39 1.85 13.29
CA HIS B 50 2.54 0.88 12.61
C HIS B 50 1.22 1.51 12.20
N GLY B 51 0.70 1.06 11.06
CA GLY B 51 -0.59 1.52 10.58
C GLY B 51 -0.53 2.84 9.86
N VAL B 52 0.43 2.98 8.96
CA VAL B 52 0.70 4.24 8.27
C VAL B 52 0.30 4.07 6.80
N ALA B 53 -0.65 4.86 6.35
CA ALA B 53 -1.01 4.94 4.94
C ALA B 53 -0.60 6.30 4.42
N THR B 54 0.07 6.33 3.28
CA THR B 54 0.66 7.56 2.77
C THR B 54 0.54 7.59 1.26
N VAL B 55 0.00 8.67 0.73
CA VAL B 55 -0.04 8.92 -0.70
C VAL B 55 0.71 10.22 -0.95
N ALA B 56 1.64 10.20 -1.89
CA ALA B 56 2.48 11.36 -2.19
C ALA B 56 2.52 11.56 -3.71
N GLU B 57 1.56 12.31 -4.23
CA GLU B 57 1.59 12.72 -5.63
C GLU B 57 2.40 14.00 -5.75
N LYS B 58 3.53 13.93 -6.44
CA LYS B 58 4.39 15.09 -6.61
C LYS B 58 4.86 15.14 -8.05
N THR B 59 4.58 16.25 -8.74
CA THR B 59 5.01 16.39 -10.12
C THR B 59 6.53 16.59 -10.23
N LYS B 60 7.19 17.06 -9.17
CA LYS B 60 8.63 17.24 -9.22
C LYS B 60 9.21 17.26 -7.81
N GLU B 61 10.33 16.57 -7.63
CA GLU B 61 11.15 16.67 -6.43
C GLU B 61 12.59 16.93 -6.84
N GLN B 62 13.29 17.75 -6.06
CA GLN B 62 14.65 18.12 -6.43
C GLN B 62 15.41 18.59 -5.21
N VAL B 63 16.59 18.01 -4.99
CA VAL B 63 17.55 18.52 -4.02
C VAL B 63 18.80 18.89 -4.79
N THR B 64 19.18 20.17 -4.74
CA THR B 64 20.37 20.65 -5.43
C THR B 64 21.37 21.03 -4.35
N ASN B 65 22.11 20.05 -3.87
CA ASN B 65 23.11 20.28 -2.84
C ASN B 65 24.42 20.71 -3.50
N VAL B 66 24.99 21.79 -3.01
CA VAL B 66 26.28 22.29 -3.49
C VAL B 66 27.18 22.42 -2.27
N GLY B 67 27.92 21.37 -1.97
CA GLY B 67 28.93 21.42 -0.94
C GLY B 67 28.45 21.19 0.47
N GLY B 68 27.15 21.04 0.70
CA GLY B 68 26.61 20.91 2.02
C GLY B 68 26.02 19.53 2.31
N ALA B 69 25.52 19.39 3.53
CA ALA B 69 24.79 18.20 3.95
C ALA B 69 23.30 18.40 3.77
N VAL B 70 22.59 17.30 3.49
CA VAL B 70 21.13 17.32 3.32
C VAL B 70 20.58 15.95 3.72
N VAL B 71 19.44 15.96 4.42
CA VAL B 71 18.65 14.76 4.68
C VAL B 71 17.21 15.07 4.35
N THR B 72 16.58 14.23 3.54
CA THR B 72 15.20 14.48 3.13
C THR B 72 14.44 13.18 2.94
N GLY B 73 13.16 13.20 3.31
CA GLY B 73 12.25 12.14 2.94
C GLY B 73 12.17 10.93 3.85
N VAL B 74 12.41 11.11 5.14
CA VAL B 74 12.32 10.02 6.09
C VAL B 74 10.86 9.73 6.39
N THR B 75 10.48 8.46 6.39
CA THR B 75 9.09 8.06 6.58
C THR B 75 9.03 6.69 7.24
N ALA B 76 8.26 6.60 8.32
CA ALA B 76 8.00 5.32 9.00
C ALA B 76 9.29 4.64 9.41
N VAL B 77 10.04 5.31 10.29
CA VAL B 77 11.35 4.86 10.74
C VAL B 77 11.30 4.65 12.24
N ALA B 78 11.99 3.62 12.72
CA ALA B 78 11.96 3.28 14.13
C ALA B 78 13.35 2.86 14.59
N GLN B 79 13.82 3.44 15.69
CA GLN B 79 15.11 3.09 16.27
C GLN B 79 14.95 2.78 17.75
N LYS B 80 15.99 2.19 18.31
CA LYS B 80 16.05 1.92 19.75
C LYS B 80 17.51 1.71 20.10
N THR B 81 18.06 2.56 20.95
CA THR B 81 19.46 2.51 21.32
C THR B 81 19.58 2.25 22.81
N VAL B 82 20.75 1.74 23.21
CA VAL B 82 21.11 1.57 24.62
C VAL B 82 22.59 1.89 24.74
N GLU B 83 22.94 2.84 25.61
CA GLU B 83 24.32 3.28 25.79
C GLU B 83 24.89 3.78 24.46
N GLY B 84 24.14 4.68 23.82
CA GLY B 84 24.57 5.24 22.55
C GLY B 84 23.77 6.46 22.15
N ALA B 85 24.39 7.34 21.37
CA ALA B 85 23.74 8.56 20.90
C ALA B 85 23.00 8.24 19.60
N GLY B 86 21.68 8.29 19.65
CA GLY B 86 20.88 7.89 18.51
C GLY B 86 20.22 9.04 17.77
N SER B 87 20.64 9.24 16.53
CA SER B 87 20.11 10.30 15.67
C SER B 87 19.26 9.67 14.58
N ILE B 88 18.19 10.34 14.18
CA ILE B 88 17.30 9.78 13.17
C ILE B 88 17.58 10.41 11.83
N ALA B 89 17.35 11.71 11.72
CA ALA B 89 17.60 12.45 10.49
C ALA B 89 18.36 13.72 10.85
N ALA B 90 19.67 13.58 10.99
CA ALA B 90 20.53 14.69 11.39
C ALA B 90 21.13 15.35 10.16
N ALA B 91 21.26 16.67 10.19
CA ALA B 91 22.07 17.42 9.24
C ALA B 91 23.24 17.98 10.05
N THR B 92 24.29 17.18 10.19
CA THR B 92 25.41 17.50 11.04
C THR B 92 26.38 18.40 10.30
N GLY B 93 27.21 19.12 11.06
CA GLY B 93 28.03 20.17 10.53
C GLY B 93 29.45 19.74 10.25
N PHE B 94 30.13 20.55 9.43
CA PHE B 94 31.48 20.25 8.97
C PHE B 94 32.45 20.44 10.13
N VAL B 95 32.82 19.35 10.78
CA VAL B 95 33.73 19.38 11.92
C VAL B 95 35.10 19.79 11.42
N LYS B 96 35.66 20.84 12.03
CA LYS B 96 36.98 21.32 11.68
C LYS B 96 37.77 21.47 12.96
N LYS B 97 39.08 21.26 12.89
CA LYS B 97 39.90 21.18 14.09
C LYS B 97 41.17 22.02 13.96
N VAL C 37 -18.00 12.14 -37.17
CA VAL C 37 -17.47 11.34 -38.27
C VAL C 37 -15.96 11.42 -38.29
N LEU C 38 -15.38 12.12 -37.32
CA LEU C 38 -13.94 12.18 -37.16
C LEU C 38 -13.61 12.02 -35.68
N TYR C 39 -14.25 11.03 -35.04
CA TYR C 39 -13.97 10.69 -33.65
C TYR C 39 -12.47 10.51 -33.45
N VAL C 40 -11.95 11.08 -32.36
CA VAL C 40 -10.54 10.98 -32.03
C VAL C 40 -10.42 10.76 -30.53
N GLY C 41 -10.12 9.53 -30.13
CA GLY C 41 -9.73 9.26 -28.76
C GLY C 41 -8.22 9.26 -28.64
N SER C 42 -7.74 9.68 -27.46
CA SER C 42 -6.30 9.76 -27.25
C SER C 42 -6.03 9.83 -25.76
N LYS C 43 -5.21 8.90 -25.26
CA LYS C 43 -4.82 8.84 -23.85
C LYS C 43 -6.02 8.76 -22.92
N THR C 44 -7.20 8.46 -23.47
CA THR C 44 -8.41 8.30 -22.69
C THR C 44 -8.25 7.13 -21.72
N LYS C 45 -9.03 7.16 -20.65
CA LYS C 45 -9.12 6.05 -19.71
C LYS C 45 -10.56 5.90 -19.27
N GLU C 46 -11.03 4.65 -19.21
CA GLU C 46 -12.42 4.38 -18.83
C GLU C 46 -12.46 3.10 -18.03
N GLY C 47 -13.17 3.13 -16.90
CA GLY C 47 -13.20 2.02 -15.98
C GLY C 47 -11.80 1.54 -15.67
N VAL C 48 -10.97 2.40 -15.09
CA VAL C 48 -9.55 2.14 -14.91
C VAL C 48 -9.20 2.31 -13.44
N VAL C 49 -8.43 1.37 -12.91
CA VAL C 49 -7.91 1.43 -11.55
C VAL C 49 -6.41 1.26 -11.63
N HIS C 50 -5.66 2.13 -10.97
CA HIS C 50 -4.21 1.96 -10.98
C HIS C 50 -3.58 2.69 -9.81
N GLY C 51 -2.49 2.12 -9.30
CA GLY C 51 -1.74 2.73 -8.22
C GLY C 51 -2.34 2.48 -6.86
N VAL C 52 -2.70 1.24 -6.57
CA VAL C 52 -3.40 0.87 -5.35
C VAL C 52 -2.45 0.04 -4.50
N ALA C 53 -2.15 0.53 -3.31
CA ALA C 53 -1.40 -0.22 -2.32
C ALA C 53 -2.33 -0.54 -1.16
N THR C 54 -2.33 -1.79 -0.73
CA THR C 54 -3.29 -2.24 0.25
C THR C 54 -2.65 -3.24 1.18
N VAL C 55 -2.78 -3.02 2.48
CA VAL C 55 -2.33 -3.95 3.50
C VAL C 55 -3.56 -4.32 4.33
N ALA C 56 -3.78 -5.61 4.52
CA ALA C 56 -4.95 -6.10 5.24
C ALA C 56 -4.51 -7.16 6.24
N GLU C 57 -4.14 -6.73 7.44
CA GLU C 57 -3.86 -7.66 8.53
C GLU C 57 -5.17 -7.97 9.26
N LYS C 58 -5.60 -9.22 9.19
CA LYS C 58 -6.83 -9.64 9.83
C LYS C 58 -6.61 -10.97 10.53
N THR C 59 -6.84 -11.00 11.84
CA THR C 59 -6.69 -12.25 12.58
C THR C 59 -7.77 -13.28 12.24
N LYS C 60 -8.92 -12.84 11.73
CA LYS C 60 -9.97 -13.79 11.38
C LYS C 60 -10.93 -13.15 10.38
N GLU C 61 -11.31 -13.92 9.35
CA GLU C 61 -12.38 -13.58 8.43
C GLU C 61 -13.33 -14.75 8.35
N GLN C 62 -14.63 -14.47 8.25
CA GLN C 62 -15.62 -15.53 8.25
C GLN C 62 -16.90 -15.04 7.61
N VAL C 63 -17.41 -15.81 6.64
CA VAL C 63 -18.75 -15.62 6.10
C VAL C 63 -19.51 -16.91 6.36
N THR C 64 -20.59 -16.83 7.14
CA THR C 64 -21.41 -17.98 7.46
C THR C 64 -22.74 -17.78 6.77
N ASN C 65 -22.79 -18.15 5.50
CA ASN C 65 -24.01 -18.02 4.72
C ASN C 65 -24.88 -19.24 4.93
N VAL C 66 -26.16 -19.02 5.24
CA VAL C 66 -27.13 -20.10 5.42
C VAL C 66 -28.29 -19.78 4.48
N GLY C 67 -28.23 -20.30 3.27
CA GLY C 67 -29.34 -20.22 2.36
C GLY C 67 -29.45 -18.95 1.55
N GLY C 68 -28.57 -17.97 1.78
CA GLY C 68 -28.67 -16.69 1.12
C GLY C 68 -27.51 -16.43 0.15
N ALA C 69 -27.57 -15.26 -0.47
CA ALA C 69 -26.51 -14.76 -1.32
C ALA C 69 -25.57 -13.86 -0.53
N VAL C 70 -24.30 -13.86 -0.91
CA VAL C 70 -23.27 -13.01 -0.29
C VAL C 70 -22.20 -12.68 -1.32
N VAL C 71 -21.72 -11.44 -1.30
CA VAL C 71 -20.55 -11.01 -2.06
C VAL C 71 -19.66 -10.23 -1.11
N THR C 72 -18.38 -10.59 -1.04
CA THR C 72 -17.47 -9.92 -0.12
C THR C 72 -16.07 -9.86 -0.70
N GLY C 73 -15.38 -8.75 -0.43
CA GLY C 73 -13.95 -8.68 -0.66
C GLY C 73 -13.50 -8.25 -2.04
N VAL C 74 -14.28 -7.44 -2.74
CA VAL C 74 -13.90 -6.97 -4.06
C VAL C 74 -12.88 -5.85 -3.91
N THR C 75 -11.81 -5.91 -4.71
CA THR C 75 -10.71 -4.95 -4.61
C THR C 75 -10.06 -4.76 -5.97
N ALA C 76 -9.93 -3.51 -6.39
CA ALA C 76 -9.21 -3.15 -7.62
C ALA C 76 -9.80 -3.86 -8.83
N VAL C 77 -11.07 -3.57 -9.11
CA VAL C 77 -11.82 -4.22 -10.16
C VAL C 77 -12.26 -3.15 -11.16
N ALA C 78 -12.24 -3.51 -12.44
CA ALA C 78 -12.57 -2.57 -13.50
C ALA C 78 -13.41 -3.25 -14.58
N GLN C 79 -14.53 -2.63 -14.94
CA GLN C 79 -15.39 -3.15 -16.00
C GLN C 79 -15.67 -2.06 -17.02
N LYS C 80 -16.20 -2.48 -18.16
CA LYS C 80 -16.65 -1.55 -19.19
C LYS C 80 -17.62 -2.31 -20.09
N THR C 81 -18.86 -1.87 -20.14
CA THR C 81 -19.91 -2.54 -20.90
C THR C 81 -20.40 -1.61 -22.00
N VAL C 82 -21.03 -2.20 -23.02
CA VAL C 82 -21.70 -1.49 -24.09
C VAL C 82 -22.94 -2.29 -24.46
N GLU C 83 -24.11 -1.67 -24.38
CA GLU C 83 -25.38 -2.35 -24.66
C GLU C 83 -25.55 -3.56 -23.73
N GLY C 84 -25.35 -3.31 -22.44
CA GLY C 84 -25.51 -4.36 -21.46
C GLY C 84 -25.60 -3.84 -20.04
N ALA C 85 -26.25 -4.60 -19.16
CA ALA C 85 -26.40 -4.22 -17.77
C ALA C 85 -25.20 -4.74 -16.98
N GLY C 86 -24.38 -3.82 -16.50
CA GLY C 86 -23.14 -4.20 -15.84
C GLY C 86 -23.16 -4.04 -14.34
N SER C 87 -23.05 -5.15 -13.63
CA SER C 87 -23.03 -5.15 -12.17
C SER C 87 -21.63 -5.53 -11.69
N ILE C 88 -21.21 -4.95 -10.58
CA ILE C 88 -19.86 -5.22 -10.10
C ILE C 88 -19.90 -6.22 -8.96
N ALA C 89 -20.54 -5.84 -7.87
CA ALA C 89 -20.69 -6.71 -6.71
C ALA C 89 -22.14 -6.65 -6.26
N ALA C 90 -22.99 -7.44 -6.91
CA ALA C 90 -24.40 -7.46 -6.63
C ALA C 90 -24.73 -8.58 -5.66
N ALA C 91 -25.67 -8.33 -4.75
CA ALA C 91 -26.31 -9.37 -3.96
C ALA C 91 -27.76 -9.43 -4.42
N THR C 92 -28.00 -10.21 -5.47
CA THR C 92 -29.29 -10.26 -6.14
C THR C 92 -30.20 -11.21 -5.39
N GLY C 93 -31.51 -11.05 -5.60
CA GLY C 93 -32.51 -11.72 -4.82
C GLY C 93 -33.06 -12.95 -5.49
N PHE C 94 -33.71 -13.79 -4.68
CA PHE C 94 -34.22 -15.08 -5.13
C PHE C 94 -35.44 -14.85 -5.99
N VAL C 95 -35.26 -14.88 -7.31
CA VAL C 95 -36.33 -14.66 -8.26
C VAL C 95 -37.30 -15.82 -8.17
N LYS C 96 -38.57 -15.51 -7.95
CA LYS C 96 -39.62 -16.51 -7.88
C LYS C 96 -40.75 -16.07 -8.78
N LYS C 97 -41.45 -17.04 -9.38
CA LYS C 97 -42.43 -16.74 -10.42
C LYS C 97 -43.74 -17.46 -10.19
N VAL D 37 -19.46 16.28 -35.08
CA VAL D 37 -18.92 15.47 -36.18
C VAL D 37 -17.40 15.54 -36.18
N LEU D 38 -16.84 16.23 -35.19
CA LEU D 38 -15.40 16.29 -35.01
C LEU D 38 -15.09 16.12 -33.52
N TYR D 39 -15.74 15.12 -32.91
CA TYR D 39 -15.48 14.79 -31.52
C TYR D 39 -13.99 14.58 -31.30
N VAL D 40 -13.47 15.14 -30.20
CA VAL D 40 -12.06 15.02 -29.85
C VAL D 40 -11.96 14.80 -28.36
N GLY D 41 -11.69 13.56 -27.95
CA GLY D 41 -11.32 13.28 -26.58
C GLY D 41 -9.81 13.28 -26.44
N SER D 42 -9.34 13.67 -25.26
CA SER D 42 -7.90 13.75 -25.02
C SER D 42 -7.64 13.81 -23.53
N LYS D 43 -6.84 12.87 -23.03
CA LYS D 43 -6.47 12.78 -21.62
C LYS D 43 -7.69 12.71 -20.70
N THR D 44 -8.85 12.43 -21.27
CA THR D 44 -10.07 12.27 -20.50
C THR D 44 -9.94 11.09 -19.53
N LYS D 45 -10.74 11.12 -18.48
CA LYS D 45 -10.84 10.01 -17.54
C LYS D 45 -12.29 9.86 -17.13
N GLU D 46 -12.77 8.62 -17.08
CA GLU D 46 -14.15 8.35 -16.72
C GLU D 46 -14.23 7.07 -15.92
N GLY D 47 -14.95 7.10 -14.80
CA GLY D 47 -14.99 5.97 -13.89
C GLY D 47 -13.60 5.49 -13.58
N VAL D 48 -12.78 6.34 -12.98
CA VAL D 48 -11.36 6.06 -12.78
C VAL D 48 -11.03 6.23 -11.31
N VAL D 49 -10.26 5.27 -10.77
CA VAL D 49 -9.77 5.32 -9.41
C VAL D 49 -8.27 5.13 -9.46
N HIS D 50 -7.51 6.00 -8.78
CA HIS D 50 -6.07 5.83 -8.78
C HIS D 50 -5.45 6.54 -7.59
N GLY D 51 -4.38 5.96 -7.07
CA GLY D 51 -3.64 6.56 -5.98
C GLY D 51 -4.25 6.30 -4.62
N VAL D 52 -4.63 5.07 -4.37
CA VAL D 52 -5.34 4.69 -3.15
C VAL D 52 -4.41 3.85 -2.29
N ALA D 53 -4.12 4.33 -1.09
CA ALA D 53 -3.39 3.57 -0.09
C ALA D 53 -4.34 3.24 1.04
N THR D 54 -4.34 1.99 1.47
CA THR D 54 -5.33 1.54 2.43
C THR D 54 -4.70 0.53 3.37
N VAL D 55 -4.84 0.75 4.66
CA VAL D 55 -4.42 -0.20 5.68
C VAL D 55 -5.66 -0.56 6.50
N ALA D 56 -5.89 -1.85 6.67
CA ALA D 56 -7.08 -2.34 7.38
C ALA D 56 -6.65 -3.41 8.37
N GLU D 57 -6.30 -2.98 9.58
CA GLU D 57 -6.04 -3.92 10.67
C GLU D 57 -7.35 -4.23 11.37
N LYS D 58 -7.80 -5.49 11.29
CA LYS D 58 -9.05 -5.90 11.91
C LYS D 58 -8.84 -7.24 12.61
N THR D 59 -9.09 -7.27 13.92
CA THR D 59 -8.94 -8.53 14.65
C THR D 59 -10.03 -9.54 14.30
N LYS D 60 -11.18 -9.09 13.77
CA LYS D 60 -12.22 -10.03 13.39
C LYS D 60 -13.16 -9.38 12.39
N GLU D 61 -13.54 -10.13 11.36
CA GLU D 61 -14.60 -9.79 10.43
C GLU D 61 -15.56 -10.95 10.32
N GLN D 62 -16.85 -10.67 10.21
CA GLN D 62 -17.85 -11.72 10.18
C GLN D 62 -19.13 -11.22 9.53
N VAL D 63 -19.62 -11.97 8.55
CA VAL D 63 -20.95 -11.77 7.99
C VAL D 63 -21.72 -13.06 8.24
N THR D 64 -22.80 -12.96 9.00
CA THR D 64 -23.64 -14.12 9.30
C THR D 64 -24.97 -13.90 8.59
N ASN D 65 -25.00 -14.27 7.32
CA ASN D 65 -26.22 -14.12 6.53
C ASN D 65 -27.09 -15.35 6.73
N VAL D 66 -28.37 -15.11 7.03
CA VAL D 66 -29.34 -16.18 7.18
C VAL D 66 -30.49 -15.86 6.23
N GLY D 67 -30.42 -16.37 5.01
CA GLY D 67 -31.53 -16.27 4.08
C GLY D 67 -31.62 -14.99 3.29
N GLY D 68 -30.73 -14.02 3.53
CA GLY D 68 -30.81 -12.74 2.88
C GLY D 68 -29.64 -12.47 1.93
N ALA D 69 -29.69 -11.29 1.31
CA ALA D 69 -28.60 -10.80 0.47
C ALA D 69 -27.66 -9.91 1.28
N VAL D 70 -26.39 -9.92 0.91
CA VAL D 70 -25.38 -9.08 1.56
C VAL D 70 -24.28 -8.77 0.55
N VAL D 71 -23.80 -7.51 0.58
CA VAL D 71 -22.62 -7.10 -0.16
C VAL D 71 -21.73 -6.32 0.81
N THR D 72 -20.46 -6.70 0.90
CA THR D 72 -19.56 -6.03 1.83
C THR D 72 -18.14 -5.98 1.27
N GLY D 73 -17.45 -4.88 1.55
CA GLY D 73 -16.01 -4.81 1.34
C GLY D 73 -15.54 -4.38 -0.03
N VAL D 74 -16.31 -3.56 -0.73
CA VAL D 74 -15.91 -3.08 -2.04
C VAL D 74 -14.88 -1.97 -1.88
N THR D 75 -13.80 -2.04 -2.66
CA THR D 75 -12.71 -1.09 -2.54
C THR D 75 -12.04 -0.90 -3.90
N ALA D 76 -11.88 0.37 -4.30
CA ALA D 76 -11.16 0.73 -5.51
C ALA D 76 -11.73 0.03 -6.74
N VAL D 77 -12.99 0.33 -7.03
CA VAL D 77 -13.73 -0.31 -8.11
C VAL D 77 -14.16 0.76 -9.10
N ALA D 78 -14.12 0.43 -10.38
CA ALA D 78 -14.43 1.37 -11.45
C ALA D 78 -15.25 0.70 -12.53
N GLN D 79 -16.37 1.33 -12.91
CA GLN D 79 -17.22 0.82 -13.98
C GLN D 79 -17.48 1.92 -14.99
N LYS D 80 -18.00 1.52 -16.14
CA LYS D 80 -18.43 2.45 -17.18
C LYS D 80 -19.38 1.71 -18.09
N THR D 81 -20.63 2.16 -18.15
CA THR D 81 -21.68 1.51 -18.93
C THR D 81 -22.15 2.44 -20.03
N VAL D 82 -22.75 1.85 -21.07
CA VAL D 82 -23.42 2.59 -22.14
C VAL D 82 -24.65 1.79 -22.53
N GLU D 83 -25.82 2.42 -22.46
CA GLU D 83 -27.08 1.75 -22.76
C GLU D 83 -27.28 0.54 -21.83
N GLY D 84 -27.10 0.78 -20.54
CA GLY D 84 -27.28 -0.28 -19.57
C GLY D 84 -27.38 0.22 -18.15
N ALA D 85 -28.05 -0.53 -17.29
CA ALA D 85 -28.23 -0.16 -15.89
C ALA D 85 -27.04 -0.69 -15.10
N GLY D 86 -26.20 0.22 -14.60
CA GLY D 86 -24.98 -0.17 -13.93
C GLY D 86 -25.00 -0.02 -12.42
N SER D 87 -24.93 -1.14 -11.71
CA SER D 87 -24.92 -1.16 -10.26
C SER D 87 -23.53 -1.54 -9.78
N ILE D 88 -23.12 -0.97 -8.64
CA ILE D 88 -21.77 -1.25 -8.15
C ILE D 88 -21.85 -2.26 -7.02
N ALA D 89 -22.50 -1.88 -5.93
CA ALA D 89 -22.66 -2.76 -4.77
C ALA D 89 -24.12 -2.69 -4.35
N ALA D 90 -24.96 -3.48 -5.01
CA ALA D 90 -26.39 -3.48 -4.76
C ALA D 90 -26.73 -4.61 -3.80
N ALA D 91 -27.68 -4.36 -2.90
CA ALA D 91 -28.34 -5.40 -2.11
C ALA D 91 -29.78 -5.44 -2.61
N THR D 92 -30.01 -6.21 -3.66
CA THR D 92 -31.29 -6.26 -4.34
C THR D 92 -32.23 -7.20 -3.61
N GLY D 93 -33.51 -7.03 -3.84
CA GLY D 93 -34.54 -7.70 -3.07
C GLY D 93 -35.10 -8.92 -3.77
N PHE D 94 -35.75 -9.76 -2.97
CA PHE D 94 -36.27 -11.04 -3.43
C PHE D 94 -37.48 -10.80 -4.31
N VAL D 95 -37.28 -10.83 -5.62
CA VAL D 95 -38.34 -10.58 -6.58
C VAL D 95 -39.32 -11.74 -6.51
N LYS D 96 -40.59 -11.42 -6.31
CA LYS D 96 -41.64 -12.43 -6.26
C LYS D 96 -42.76 -11.97 -7.17
N LYS D 97 -43.46 -12.93 -7.78
CA LYS D 97 -44.41 -12.60 -8.83
C LYS D 97 -45.75 -13.33 -8.63
N VAL E 37 -16.44 8.06 -39.25
CA VAL E 37 -15.92 7.26 -40.35
C VAL E 37 -14.40 7.36 -40.39
N LEU E 38 -13.83 8.06 -39.42
CA LEU E 38 -12.38 8.14 -39.27
C LEU E 38 -12.03 7.98 -37.79
N TYR E 39 -12.66 6.99 -37.15
CA TYR E 39 -12.37 6.67 -35.75
C TYR E 39 -10.87 6.48 -35.57
N VAL E 40 -10.35 7.06 -34.49
CA VAL E 40 -8.93 6.98 -34.18
C VAL E 40 -8.79 6.76 -32.67
N GLY E 41 -8.49 5.54 -32.26
CA GLY E 41 -8.08 5.27 -30.90
C GLY E 41 -6.57 5.28 -30.79
N SER E 42 -6.08 5.71 -29.62
CA SER E 42 -4.64 5.80 -29.42
C SER E 42 -4.36 5.88 -27.93
N LYS E 43 -3.53 4.96 -27.43
CA LYS E 43 -3.13 4.90 -26.04
C LYS E 43 -4.32 4.82 -25.09
N THR E 44 -5.49 4.52 -25.63
CA THR E 44 -6.69 4.35 -24.83
C THR E 44 -6.52 3.18 -23.86
N LYS E 45 -7.31 3.21 -22.79
CA LYS E 45 -7.37 2.11 -21.84
C LYS E 45 -8.81 1.94 -21.39
N GLU E 46 -9.28 0.70 -21.32
CA GLU E 46 -10.64 0.42 -20.93
C GLU E 46 -10.69 -0.87 -20.12
N GLY E 47 -11.38 -0.83 -18.98
CA GLY E 47 -11.38 -1.93 -18.05
C GLY E 47 -9.99 -2.40 -17.77
N VAL E 48 -9.16 -1.53 -17.19
CA VAL E 48 -7.74 -1.79 -17.02
C VAL E 48 -7.38 -1.61 -15.56
N VAL E 49 -6.60 -2.55 -15.03
CA VAL E 49 -6.07 -2.48 -13.68
C VAL E 49 -4.56 -2.64 -13.76
N HIS E 50 -3.82 -1.76 -13.11
CA HIS E 50 -2.37 -1.91 -13.14
C HIS E 50 -1.73 -1.18 -11.97
N GLY E 51 -0.63 -1.74 -11.46
CA GLY E 51 0.12 -1.12 -10.40
C GLY E 51 -0.46 -1.37 -9.02
N VAL E 52 -0.82 -2.62 -8.74
CA VAL E 52 -1.49 -2.99 -7.51
C VAL E 52 -0.54 -3.80 -6.66
N ALA E 53 -0.23 -3.30 -5.47
CA ALA E 53 0.53 -4.05 -4.49
C ALA E 53 -0.39 -4.37 -3.32
N THR E 54 -0.37 -5.62 -2.89
CA THR E 54 -1.33 -6.08 -1.89
C THR E 54 -0.66 -7.06 -0.97
N VAL E 55 -0.78 -6.83 0.33
CA VAL E 55 -0.33 -7.76 1.35
C VAL E 55 -1.53 -8.12 2.19
N ALA E 56 -1.75 -9.42 2.39
CA ALA E 56 -2.92 -9.92 3.12
C ALA E 56 -2.45 -10.97 4.12
N GLU E 57 -2.09 -10.53 5.32
CA GLU E 57 -1.79 -11.45 6.41
C GLU E 57 -3.09 -11.77 7.15
N LYS E 58 -3.51 -13.03 7.09
CA LYS E 58 -4.74 -13.44 7.75
C LYS E 58 -4.50 -14.77 8.44
N THR E 59 -4.72 -14.80 9.76
CA THR E 59 -4.55 -16.05 10.51
C THR E 59 -5.63 -17.08 10.18
N LYS E 60 -6.78 -16.66 9.68
CA LYS E 60 -7.83 -17.61 9.33
C LYS E 60 -8.80 -16.98 8.33
N GLU E 61 -9.19 -17.76 7.33
CA GLU E 61 -10.27 -17.42 6.42
C GLU E 61 -11.22 -18.61 6.34
N GLN E 62 -12.52 -18.33 6.25
CA GLN E 62 -13.50 -19.40 6.26
C GLN E 62 -14.80 -18.93 5.63
N VAL E 63 -15.30 -19.69 4.67
CA VAL E 63 -16.65 -19.52 4.15
C VAL E 63 -17.40 -20.81 4.42
N THR E 64 -18.46 -20.72 5.20
CA THR E 64 -19.28 -21.89 5.53
C THR E 64 -20.62 -21.70 4.85
N ASN E 65 -20.68 -22.08 3.58
CA ASN E 65 -21.91 -21.95 2.81
C ASN E 65 -22.77 -23.19 3.05
N VAL E 66 -24.03 -22.97 3.37
CA VAL E 66 -25.00 -24.04 3.56
C VAL E 66 -26.18 -23.75 2.62
N GLY E 67 -26.13 -24.27 1.41
CA GLY E 67 -27.24 -24.20 0.52
C GLY E 67 -27.37 -22.93 -0.29
N GLY E 68 -26.49 -21.94 -0.08
CA GLY E 68 -26.60 -20.66 -0.76
C GLY E 68 -25.46 -20.40 -1.72
N ALA E 69 -25.53 -19.23 -2.36
CA ALA E 69 -24.47 -18.73 -3.22
C ALA E 69 -23.54 -17.82 -2.44
N VAL E 70 -22.25 -17.82 -2.84
CA VAL E 70 -21.25 -16.96 -2.22
C VAL E 70 -20.18 -16.63 -3.26
N VAL E 71 -19.71 -15.38 -3.26
CA VAL E 71 -18.55 -14.95 -4.01
C VAL E 71 -17.65 -14.16 -3.08
N THR E 72 -16.37 -14.51 -3.02
CA THR E 72 -15.46 -13.84 -2.12
C THR E 72 -14.06 -13.76 -2.71
N GLY E 73 -13.36 -12.66 -2.45
CA GLY E 73 -11.94 -12.57 -2.69
C GLY E 73 -11.51 -12.15 -4.08
N VAL E 74 -12.31 -11.34 -4.77
CA VAL E 74 -11.94 -10.87 -6.09
C VAL E 74 -10.92 -9.75 -5.96
N THR E 75 -9.85 -9.82 -6.76
CA THR E 75 -8.77 -8.85 -6.69
C THR E 75 -8.14 -8.66 -8.04
N ALA E 76 -8.00 -7.41 -8.48
CA ALA E 76 -7.30 -7.05 -9.71
C ALA E 76 -7.90 -7.77 -10.92
N VAL E 77 -9.18 -7.48 -11.18
CA VAL E 77 -9.93 -8.14 -12.23
C VAL E 77 -10.38 -7.09 -13.23
N ALA E 78 -10.38 -7.44 -14.51
CA ALA E 78 -10.72 -6.51 -15.57
C ALA E 78 -11.55 -7.20 -16.63
N GLN E 79 -12.69 -6.60 -16.99
CA GLN E 79 -13.55 -7.12 -18.03
C GLN E 79 -13.85 -6.04 -19.05
N LYS E 80 -14.39 -6.45 -20.19
CA LYS E 80 -14.85 -5.55 -21.23
C LYS E 80 -15.82 -6.32 -22.11
N THR E 81 -17.07 -5.88 -22.16
CA THR E 81 -18.12 -6.55 -22.90
C THR E 81 -18.62 -5.63 -24.01
N VAL E 82 -19.26 -6.24 -25.02
CA VAL E 82 -19.95 -5.52 -26.08
C VAL E 82 -21.17 -6.34 -26.43
N GLU E 83 -22.36 -5.73 -26.35
CA GLU E 83 -23.62 -6.41 -26.62
C GLU E 83 -23.77 -7.62 -25.68
N GLY E 84 -23.58 -7.37 -24.39
CA GLY E 84 -23.71 -8.41 -23.40
C GLY E 84 -23.79 -7.89 -21.98
N ALA E 85 -24.43 -8.65 -21.10
CA ALA E 85 -24.57 -8.26 -19.70
C ALA E 85 -23.37 -8.77 -18.93
N GLY E 86 -22.55 -7.84 -18.45
CA GLY E 86 -21.29 -8.21 -17.81
C GLY E 86 -21.30 -8.05 -16.31
N SER E 87 -21.18 -9.15 -15.58
CA SER E 87 -21.15 -9.16 -14.13
C SER E 87 -19.75 -9.51 -13.67
N ILE E 88 -19.32 -8.93 -12.56
CA ILE E 88 -17.95 -9.19 -12.09
C ILE E 88 -17.99 -10.19 -10.94
N ALA E 89 -18.63 -9.81 -9.85
CA ALA E 89 -18.74 -10.67 -8.69
C ALA E 89 -20.19 -10.62 -8.22
N ALA E 90 -21.04 -11.42 -8.87
CA ALA E 90 -22.46 -11.44 -8.58
C ALA E 90 -22.77 -12.57 -7.60
N ALA E 91 -23.71 -12.31 -6.68
CA ALA E 91 -24.33 -13.35 -5.87
C ALA E 91 -25.78 -13.41 -6.33
N THR E 92 -26.03 -14.21 -7.37
CA THR E 92 -27.32 -14.27 -8.03
C THR E 92 -28.22 -15.23 -7.27
N GLY E 93 -29.53 -15.07 -7.46
CA GLY E 93 -30.52 -15.74 -6.67
C GLY E 93 -31.08 -16.98 -7.33
N PHE E 94 -31.71 -17.83 -6.51
CA PHE E 94 -32.22 -19.11 -6.95
C PHE E 94 -33.45 -18.89 -7.81
N VAL E 95 -33.27 -18.93 -9.13
CA VAL E 95 -34.36 -18.72 -10.07
C VAL E 95 -35.33 -19.89 -9.96
N LYS E 96 -36.60 -19.58 -9.74
CA LYS E 96 -37.63 -20.59 -9.65
C LYS E 96 -38.78 -20.16 -10.54
N LYS E 97 -39.47 -21.14 -11.12
CA LYS E 97 -40.46 -20.84 -12.16
C LYS E 97 -41.77 -21.58 -11.92
N VAL F 37 19.34 -14.09 35.73
CA VAL F 37 19.93 -15.41 35.57
C VAL F 37 18.89 -16.41 35.08
N LEU F 38 17.68 -15.90 34.81
CA LEU F 38 16.62 -16.71 34.22
C LEU F 38 15.94 -15.89 33.12
N TYR F 39 16.75 -15.25 32.29
CA TYR F 39 16.25 -14.50 31.14
C TYR F 39 15.31 -15.37 30.32
N VAL F 40 14.18 -14.79 29.92
CA VAL F 40 13.18 -15.50 29.13
C VAL F 40 12.66 -14.54 28.05
N GLY F 41 13.11 -14.73 26.82
CA GLY F 41 12.51 -14.05 25.69
C GLY F 41 11.46 -14.94 25.05
N SER F 42 10.43 -14.32 24.50
CA SER F 42 9.34 -15.07 23.90
C SER F 42 8.54 -14.15 22.98
N LYS F 43 8.41 -14.55 21.72
CA LYS F 43 7.66 -13.80 20.71
C LYS F 43 8.14 -12.36 20.57
N THR F 44 9.32 -12.07 21.12
CA THR F 44 9.93 -10.75 20.99
C THR F 44 10.21 -10.42 19.53
N LYS F 45 10.30 -9.14 19.24
CA LYS F 45 10.71 -8.66 17.93
C LYS F 45 11.60 -7.45 18.11
N GLU F 46 12.68 -7.40 17.34
CA GLU F 46 13.63 -6.29 17.44
C GLU F 46 14.18 -5.98 16.06
N GLY F 47 14.19 -4.70 15.71
CA GLY F 47 14.58 -4.28 14.37
C GLY F 47 13.85 -5.08 13.33
N VAL F 48 12.52 -4.99 13.31
CA VAL F 48 11.68 -5.85 12.48
C VAL F 48 10.78 -4.97 11.63
N VAL F 49 10.67 -5.31 10.35
CA VAL F 49 9.77 -4.64 9.41
C VAL F 49 8.92 -5.72 8.77
N HIS F 50 7.61 -5.52 8.74
CA HIS F 50 6.75 -6.50 8.09
C HIS F 50 5.42 -5.89 7.70
N GLY F 51 4.88 -6.36 6.58
CA GLY F 51 3.57 -5.93 6.13
C GLY F 51 3.61 -4.61 5.39
N VAL F 52 4.55 -4.47 4.45
CA VAL F 52 4.77 -3.22 3.74
C VAL F 52 4.36 -3.42 2.30
N ALA F 53 3.38 -2.63 1.86
CA ALA F 53 3.00 -2.58 0.46
C ALA F 53 3.37 -1.21 -0.09
N THR F 54 4.02 -1.20 -1.24
CA THR F 54 4.58 0.03 -1.78
C THR F 54 4.42 0.04 -3.29
N VAL F 55 3.87 1.11 -3.81
CA VAL F 55 3.79 1.36 -5.24
C VAL F 55 4.52 2.65 -5.53
N ALA F 56 5.44 2.63 -6.49
CA ALA F 56 6.25 3.80 -6.83
C ALA F 56 6.25 3.98 -8.33
N GLU F 57 5.27 4.71 -8.85
CA GLU F 57 5.26 5.10 -10.25
C GLU F 57 6.06 6.40 -10.41
N LYS F 58 7.18 6.33 -11.12
CA LYS F 58 8.02 7.51 -11.33
C LYS F 58 8.47 7.55 -12.77
N THR F 59 8.13 8.63 -13.47
CA THR F 59 8.55 8.77 -14.86
C THR F 59 10.06 8.99 -15.00
N LYS F 60 10.74 9.47 -13.97
CA LYS F 60 12.17 9.67 -14.05
C LYS F 60 12.78 9.71 -12.65
N GLU F 61 13.92 9.04 -12.49
CA GLU F 61 14.76 9.16 -11.30
C GLU F 61 16.19 9.44 -11.75
N GLN F 62 16.89 10.27 -11.00
CA GLN F 62 18.24 10.66 -11.40
C GLN F 62 19.02 11.15 -10.20
N VAL F 63 20.21 10.60 -10.00
CA VAL F 63 21.19 11.11 -9.05
C VAL F 63 22.42 11.50 -9.86
N THR F 64 22.78 12.77 -9.83
CA THR F 64 23.95 13.26 -10.55
C THR F 64 24.97 13.68 -9.49
N ASN F 65 25.73 12.70 -9.03
CA ASN F 65 26.75 12.97 -8.02
C ASN F 65 28.03 13.39 -8.71
N VAL F 66 28.61 14.49 -8.25
CA VAL F 66 29.87 15.00 -8.77
C VAL F 66 30.81 15.16 -7.57
N GLY F 67 31.56 14.11 -7.27
CA GLY F 67 32.60 14.19 -6.27
C GLY F 67 32.15 13.98 -4.84
N GLY F 68 30.85 13.81 -4.58
CA GLY F 68 30.34 13.68 -3.23
C GLY F 68 29.78 12.31 -2.93
N ALA F 69 29.30 12.18 -1.68
CA ALA F 69 28.61 10.98 -1.24
C ALA F 69 27.10 11.16 -1.39
N VAL F 70 26.40 10.05 -1.65
CA VAL F 70 24.94 10.05 -1.78
C VAL F 70 24.41 8.68 -1.35
N VAL F 71 23.29 8.68 -0.64
CA VAL F 71 22.53 7.48 -0.33
C VAL F 71 21.07 7.77 -0.65
N THR F 72 20.43 6.91 -1.42
CA THR F 72 19.04 7.14 -1.82
C THR F 72 18.29 5.82 -1.96
N GLY F 73 17.02 5.83 -1.58
CA GLY F 73 16.12 4.75 -1.93
C GLY F 73 16.07 3.56 -0.98
N VAL F 74 16.33 3.76 0.30
CA VAL F 74 16.28 2.67 1.26
C VAL F 74 14.83 2.38 1.59
N THR F 75 14.47 1.09 1.61
CA THR F 75 13.08 0.68 1.84
C THR F 75 13.06 -0.68 2.51
N ALA F 76 12.31 -0.78 3.62
CA ALA F 76 12.08 -2.03 4.32
C ALA F 76 13.40 -2.71 4.71
N VAL F 77 14.15 -2.01 5.56
CA VAL F 77 15.47 -2.44 5.98
C VAL F 77 15.45 -2.62 7.49
N ALA F 78 16.17 -3.65 7.97
CA ALA F 78 16.18 -3.98 9.39
C ALA F 78 17.58 -4.38 9.82
N GLN F 79 18.07 -3.77 10.90
CA GLN F 79 19.37 -4.09 11.45
C GLN F 79 19.24 -4.39 12.93
N LYS F 80 20.30 -4.96 13.49
CA LYS F 80 20.41 -5.21 14.92
C LYS F 80 21.87 -5.42 15.26
N THR F 81 22.43 -4.54 16.08
CA THR F 81 23.84 -4.56 16.42
C THR F 81 23.99 -4.82 17.91
N VAL F 82 25.18 -5.29 18.30
CA VAL F 82 25.56 -5.45 19.69
C VAL F 82 27.05 -5.12 19.78
N GLU F 83 27.39 -4.15 20.63
CA GLU F 83 28.78 -3.69 20.77
C GLU F 83 29.31 -3.19 19.42
N GLY F 84 28.53 -2.32 18.79
CA GLY F 84 28.93 -1.76 17.52
C GLY F 84 28.12 -0.56 17.11
N ALA F 85 28.71 0.32 16.31
CA ALA F 85 28.03 1.53 15.84
C ALA F 85 27.27 1.19 14.56
N GLY F 86 25.94 1.22 14.63
CA GLY F 86 25.12 0.81 13.52
C GLY F 86 24.45 1.93 12.78
N SER F 87 24.82 2.12 11.52
CA SER F 87 24.26 3.16 10.66
C SER F 87 23.40 2.50 9.60
N ILE F 88 22.31 3.17 9.22
CA ILE F 88 21.41 2.58 8.24
C ILE F 88 21.66 3.20 6.87
N ALA F 89 21.40 4.50 6.76
CA ALA F 89 21.62 5.21 5.52
C ALA F 89 22.37 6.50 5.84
N ALA F 90 23.69 6.39 5.97
CA ALA F 90 24.54 7.50 6.33
C ALA F 90 25.11 8.15 5.07
N ALA F 91 25.21 9.48 5.09
CA ALA F 91 26.00 10.23 4.11
C ALA F 91 27.18 10.82 4.89
N THR F 92 28.24 10.03 5.02
CA THR F 92 29.38 10.36 5.84
C THR F 92 30.31 11.28 5.07
N GLY F 93 31.16 12.01 5.79
CA GLY F 93 31.95 13.07 5.24
C GLY F 93 33.37 12.65 4.94
N PHE F 94 34.03 13.45 4.10
CA PHE F 94 35.37 13.16 3.61
C PHE F 94 36.36 13.39 4.74
N VAL F 95 36.76 12.30 5.40
CA VAL F 95 37.69 12.37 6.52
C VAL F 95 39.04 12.78 5.99
N LYS F 96 39.61 13.84 6.57
CA LYS F 96 40.92 14.33 6.19
C LYS F 96 41.73 14.53 7.45
N LYS F 97 43.04 14.32 7.35
CA LYS F 97 43.88 14.27 8.54
C LYS F 97 45.15 15.11 8.38
C10 IZV G . 21.37 -0.50 30.09
C11 IZV G . 20.43 -0.08 29.17
C13 IZV G . 21.29 2.25 29.38
C14 IZV G . 19.58 -1.00 28.58
C15 IZV G . 19.66 -2.34 28.91
C17 IZV G . 21.42 -6.52 31.09
O01 IZV G . 21.73 -10.13 31.88
C02 IZV G . 21.27 -8.93 31.31
C03 IZV G . 20.21 -8.95 30.40
C04 IZV G . 19.75 -7.76 29.83
C05 IZV G . 20.36 -6.54 30.18
N06 IZV G . 19.95 -5.26 29.64
C07 IZV G . 20.73 -4.25 30.17
C08 IZV G . 20.59 -2.77 29.83
C09 IZV G . 21.45 -1.85 30.42
N12 IZV G . 20.38 1.30 28.78
S16 IZV G . 21.84 -4.93 31.22
C18 IZV G . 21.88 -7.72 31.66
C10 IZV H . -24.37 5.88 -26.89
C11 IZV H . -23.66 5.93 -25.70
C13 IZV H . -25.82 6.08 -24.43
C14 IZV H . -22.28 5.84 -25.71
C15 IZV H . -21.59 5.72 -26.90
C17 IZV H . -20.91 5.15 -31.85
O01 IZV H . -19.09 4.68 -35.04
C02 IZV H . -19.34 4.84 -33.68
C03 IZV H . -18.28 4.87 -32.77
C04 IZV H . -18.52 5.04 -31.41
C05 IZV H . -19.84 5.18 -30.96
N06 IZV H . -20.18 5.36 -29.55
C07 IZV H . -21.55 5.47 -29.41
C08 IZV H . -22.30 5.67 -28.09
C09 IZV H . -23.68 5.75 -28.08
N12 IZV H . -24.37 6.01 -24.44
S16 IZV H . -22.26 5.35 -30.92
C18 IZV H . -20.65 4.98 -33.22
#